data_1VAJ
#
_entry.id   1VAJ
#
_cell.length_a   60.672
_cell.length_b   67.223
_cell.length_c   58.728
_cell.angle_alpha   90.00
_cell.angle_beta   104.27
_cell.angle_gamma   90.00
#
_symmetry.space_group_name_H-M   'C 1 2 1'
#
loop_
_entity.id
_entity.type
_entity.pdbx_description
1 polymer 'Hypothetical protein PH0010'
2 water water
#
_entity_poly.entity_id   1
_entity_poly.type   'polypeptide(L)'
_entity_poly.pdbx_seq_one_letter_code
;(MSE)VFKIKDEWGEFLVRLARRAIEEYLKTGKEIEPPKDTPPELWEK(MSE)GVFVTLNRYNVPPQTALRGCIGFPTPI
YPLVEATIKAAIYSAVDDPRFPPVKLEE(MSE)DNLVVEVSVLTPPELIEGPPEERPRKIKVGRDGLIVEKGIYSGLLLP
QVPVEWGWDEEEFLAETCWKAGLPPDCWLDEDTKVYKFTAEIFEEEYPRGPIKRKPLVLEHHHHHH
;
_entity_poly.pdbx_strand_id   A
#
# COMPACT_ATOMS: atom_id res chain seq x y z
N PHE A 3 -4.59 16.90 -5.29
CA PHE A 3 -4.49 16.11 -4.02
C PHE A 3 -5.86 15.87 -3.40
N LYS A 4 -6.26 14.61 -3.33
CA LYS A 4 -7.55 14.23 -2.76
C LYS A 4 -7.42 14.15 -1.24
N ILE A 5 -6.24 13.79 -0.77
CA ILE A 5 -6.00 13.68 0.66
C ILE A 5 -5.13 14.85 1.12
N LYS A 6 -5.71 15.74 1.91
CA LYS A 6 -4.97 16.89 2.42
C LYS A 6 -3.80 16.42 3.25
N ASP A 7 -2.73 17.22 3.30
CA ASP A 7 -1.55 16.87 4.07
C ASP A 7 -1.93 16.59 5.53
N GLU A 8 -2.80 17.42 6.09
CA GLU A 8 -3.22 17.24 7.48
C GLU A 8 -3.85 15.86 7.67
N TRP A 9 -4.57 15.39 6.67
CA TRP A 9 -5.22 14.08 6.75
C TRP A 9 -4.20 12.95 6.64
N GLY A 10 -3.17 13.16 5.83
CA GLY A 10 -2.14 12.14 5.68
C GLY A 10 -1.40 11.98 6.99
N GLU A 11 -1.11 13.11 7.64
CA GLU A 11 -0.41 13.13 8.91
C GLU A 11 -1.27 12.40 9.94
N PHE A 12 -2.56 12.73 9.95
CA PHE A 12 -3.51 12.11 10.86
C PHE A 12 -3.50 10.59 10.71
N LEU A 13 -3.61 10.12 9.46
CA LEU A 13 -3.63 8.69 9.18
C LEU A 13 -2.36 7.96 9.58
N VAL A 14 -1.20 8.56 9.30
CA VAL A 14 0.06 7.93 9.66
C VAL A 14 0.18 7.83 11.18
N ARG A 15 -0.15 8.89 11.90
CA ARG A 15 -0.08 8.84 13.36
C ARG A 15 -1.07 7.80 13.87
N LEU A 16 -2.26 7.74 13.27
CA LEU A 16 -3.28 6.80 13.66
C LEU A 16 -2.80 5.35 13.47
N ALA A 17 -2.12 5.12 12.35
CA ALA A 17 -1.58 3.79 12.05
C ALA A 17 -0.58 3.37 13.12
N ARG A 18 0.34 4.27 13.48
CA ARG A 18 1.32 3.95 14.50
C ARG A 18 0.62 3.67 15.83
N ARG A 19 -0.33 4.52 16.20
CA ARG A 19 -1.05 4.34 17.45
C ARG A 19 -1.82 3.01 17.48
N ALA A 20 -2.45 2.65 16.36
CA ALA A 20 -3.21 1.41 16.28
C ALA A 20 -2.30 0.21 16.53
N ILE A 21 -1.10 0.26 15.95
CA ILE A 21 -0.14 -0.82 16.11
C ILE A 21 0.38 -0.93 17.54
N GLU A 22 0.80 0.20 18.12
CA GLU A 22 1.34 0.19 19.47
C GLU A 22 0.29 -0.20 20.51
N GLU A 23 -0.93 0.31 20.35
CA GLU A 23 -2.00 -0.02 21.28
C GLU A 23 -2.33 -1.50 21.17
N TYR A 24 -2.40 -2.02 19.94
CA TYR A 24 -2.70 -3.43 19.76
C TYR A 24 -1.64 -4.32 20.41
N LEU A 25 -0.37 -3.98 20.17
CA LEU A 25 0.74 -4.76 20.73
C LEU A 25 0.76 -4.70 22.26
N LYS A 26 0.26 -3.60 22.81
CA LYS A 26 0.21 -3.42 24.24
C LYS A 26 -0.97 -4.06 24.94
N THR A 27 -2.17 -3.89 24.39
CA THR A 27 -3.38 -4.43 25.01
C THR A 27 -4.18 -5.44 24.22
N GLY A 28 -3.78 -5.69 22.97
CA GLY A 28 -4.52 -6.64 22.16
C GLY A 28 -5.82 -6.03 21.69
N LYS A 29 -6.03 -4.76 21.99
CA LYS A 29 -7.25 -4.06 21.59
C LYS A 29 -7.05 -3.28 20.29
N GLU A 30 -8.11 -3.19 19.49
CA GLU A 30 -8.08 -2.45 18.25
C GLU A 30 -8.77 -1.12 18.51
N ILE A 31 -8.02 -0.02 18.47
CA ILE A 31 -8.59 1.30 18.73
C ILE A 31 -9.69 1.63 17.75
N GLU A 32 -10.56 2.56 18.15
CA GLU A 32 -11.65 2.98 17.28
C GLU A 32 -11.28 4.30 16.63
N PRO A 33 -11.97 4.67 15.54
CA PRO A 33 -11.63 5.94 14.91
C PRO A 33 -11.83 7.02 15.96
N PRO A 34 -10.88 7.95 16.12
CA PRO A 34 -11.05 9.00 17.12
C PRO A 34 -12.20 9.95 16.77
N LYS A 35 -12.84 10.50 17.79
CA LYS A 35 -13.96 11.42 17.56
C LYS A 35 -13.55 12.61 16.70
N ASP A 36 -12.29 13.01 16.80
CA ASP A 36 -11.80 14.14 16.03
C ASP A 36 -11.46 13.76 14.58
N THR A 37 -11.77 12.53 14.19
CA THR A 37 -11.49 12.07 12.83
C THR A 37 -12.16 12.99 11.80
N PRO A 38 -11.38 13.47 10.82
CA PRO A 38 -11.94 14.34 9.78
C PRO A 38 -13.06 13.60 9.06
N PRO A 39 -14.24 14.23 8.92
CA PRO A 39 -15.40 13.62 8.25
C PRO A 39 -15.09 12.95 6.91
N GLU A 40 -14.29 13.60 6.08
CA GLU A 40 -13.95 13.07 4.76
C GLU A 40 -13.26 11.71 4.84
N LEU A 41 -12.65 11.42 5.99
CA LEU A 41 -11.95 10.15 6.17
C LEU A 41 -12.86 8.97 6.50
N TRP A 42 -14.16 9.20 6.54
CA TRP A 42 -15.10 8.12 6.80
C TRP A 42 -15.55 7.52 5.47
N GLU A 43 -15.22 8.20 4.38
CA GLU A 43 -15.57 7.70 3.05
C GLU A 43 -14.80 6.41 2.81
N LYS A 44 -15.43 5.45 2.14
CA LYS A 44 -14.77 4.18 1.88
C LYS A 44 -13.70 4.34 0.81
N GLY A 46 -9.58 2.48 -0.55
CA GLY A 46 -8.60 1.43 -0.38
C GLY A 46 -7.38 2.06 0.28
N VAL A 47 -6.63 1.27 1.05
CA VAL A 47 -5.44 1.80 1.73
C VAL A 47 -4.46 0.67 2.07
N PHE A 48 -3.18 1.02 2.07
CA PHE A 48 -2.14 0.07 2.43
C PHE A 48 -1.24 0.73 3.47
N VAL A 49 -0.75 -0.07 4.41
CA VAL A 49 0.16 0.43 5.43
C VAL A 49 1.44 -0.38 5.32
N THR A 50 2.56 0.33 5.21
CA THR A 50 3.87 -0.31 5.08
C THR A 50 4.75 0.10 6.25
N LEU A 51 5.46 -0.88 6.81
CA LEU A 51 6.37 -0.61 7.90
C LEU A 51 7.77 -0.87 7.34
N ASN A 52 8.62 0.15 7.44
CA ASN A 52 9.98 0.07 6.92
C ASN A 52 11.01 0.27 8.03
N ARG A 53 12.08 -0.51 7.99
CA ARG A 53 13.13 -0.38 8.98
C ARG A 53 13.81 0.96 8.73
N TYR A 54 14.04 1.72 9.79
CA TYR A 54 14.66 3.04 9.64
C TYR A 54 16.19 2.99 9.60
N ASN A 55 16.77 3.89 8.82
CA ASN A 55 18.22 4.03 8.70
C ASN A 55 18.94 2.84 8.06
N VAL A 56 18.31 2.21 7.08
CA VAL A 56 18.92 1.09 6.37
C VAL A 56 18.64 1.34 4.89
N PRO A 57 19.42 0.73 3.98
CA PRO A 57 19.18 0.94 2.54
C PRO A 57 17.71 0.62 2.23
N PRO A 58 17.03 1.50 1.49
CA PRO A 58 15.62 1.30 1.13
C PRO A 58 15.20 -0.08 0.60
N GLN A 59 15.97 -0.66 -0.30
CA GLN A 59 15.62 -1.97 -0.85
C GLN A 59 15.67 -3.09 0.19
N THR A 60 16.11 -2.75 1.40
CA THR A 60 16.20 -3.75 2.47
C THR A 60 15.29 -3.41 3.65
N ALA A 61 14.55 -2.30 3.54
CA ALA A 61 13.71 -1.83 4.63
C ALA A 61 12.34 -2.47 4.90
N LEU A 62 11.66 -2.93 3.86
CA LEU A 62 10.32 -3.52 4.02
C LEU A 62 10.25 -4.52 5.18
N ARG A 63 9.38 -4.21 6.16
CA ARG A 63 9.20 -5.03 7.35
C ARG A 63 7.77 -5.61 7.43
N GLY A 64 6.88 -5.02 6.65
CA GLY A 64 5.50 -5.46 6.63
C GLY A 64 4.69 -4.56 5.72
N CYS A 65 3.71 -5.13 5.04
CA CYS A 65 2.87 -4.37 4.12
C CYS A 65 1.57 -5.12 3.84
N ILE A 66 0.46 -4.57 4.34
CA ILE A 66 -0.85 -5.18 4.14
C ILE A 66 -1.84 -4.06 3.86
N GLY A 67 -2.87 -4.36 3.08
CA GLY A 67 -3.85 -3.35 2.77
C GLY A 67 -5.16 -3.92 2.26
N PHE A 68 -6.04 -2.99 1.90
CA PHE A 68 -7.34 -3.32 1.36
C PHE A 68 -7.40 -2.61 0.01
N PRO A 69 -7.23 -3.36 -1.08
CA PRO A 69 -7.28 -2.74 -2.41
C PRO A 69 -8.64 -2.15 -2.75
N THR A 70 -9.70 -2.80 -2.27
CA THR A 70 -11.07 -2.35 -2.53
C THR A 70 -11.59 -1.44 -1.42
N PRO A 71 -12.51 -0.53 -1.75
CA PRO A 71 -13.09 0.40 -0.77
C PRO A 71 -14.22 -0.24 0.04
N ILE A 72 -13.89 -1.28 0.80
CA ILE A 72 -14.88 -1.98 1.60
C ILE A 72 -15.00 -1.42 3.02
N TYR A 73 -14.00 -0.64 3.43
CA TYR A 73 -13.97 -0.02 4.75
C TYR A 73 -13.79 1.48 4.69
N PRO A 74 -14.37 2.22 5.64
CA PRO A 74 -14.20 3.68 5.61
C PRO A 74 -12.67 3.84 5.76
N LEU A 75 -12.08 4.82 5.09
CA LEU A 75 -10.63 4.99 5.15
C LEU A 75 -10.03 4.96 6.55
N VAL A 76 -10.66 5.66 7.49
CA VAL A 76 -10.15 5.69 8.85
C VAL A 76 -10.12 4.30 9.49
N GLU A 77 -11.14 3.48 9.24
CA GLU A 77 -11.17 2.14 9.81
C GLU A 77 -10.22 1.20 9.07
N ALA A 78 -10.13 1.37 7.75
CA ALA A 78 -9.25 0.54 6.94
C ALA A 78 -7.79 0.75 7.35
N THR A 79 -7.46 2.00 7.68
CA THR A 79 -6.09 2.33 8.07
C THR A 79 -5.71 1.66 9.38
N ILE A 80 -6.63 1.70 10.35
CA ILE A 80 -6.40 1.08 11.64
C ILE A 80 -6.17 -0.42 11.46
N LYS A 81 -7.06 -1.08 10.71
CA LYS A 81 -6.93 -2.53 10.52
C LYS A 81 -5.70 -2.92 9.70
N ALA A 82 -5.44 -2.21 8.61
CA ALA A 82 -4.28 -2.51 7.77
C ALA A 82 -2.97 -2.29 8.54
N ALA A 83 -2.96 -1.29 9.42
CA ALA A 83 -1.77 -1.00 10.20
C ALA A 83 -1.48 -2.21 11.10
N ILE A 84 -2.50 -2.64 11.83
CA ILE A 84 -2.36 -3.79 12.72
C ILE A 84 -1.93 -5.03 11.91
N TYR A 85 -2.62 -5.29 10.81
CA TYR A 85 -2.28 -6.44 9.96
C TYR A 85 -0.84 -6.40 9.47
N SER A 86 -0.37 -5.22 9.08
CA SER A 86 0.99 -5.10 8.58
C SER A 86 2.03 -5.41 9.64
N ALA A 87 1.67 -5.17 10.90
CA ALA A 87 2.60 -5.39 12.00
C ALA A 87 2.64 -6.83 12.51
N VAL A 88 1.47 -7.46 12.60
CA VAL A 88 1.41 -8.82 13.13
C VAL A 88 0.85 -9.90 12.21
N ASP A 89 0.30 -9.50 11.07
CA ASP A 89 -0.27 -10.48 10.16
C ASP A 89 0.23 -10.50 8.72
N ASP A 90 1.52 -10.22 8.52
CA ASP A 90 2.09 -10.30 7.18
C ASP A 90 2.80 -11.65 7.21
N PRO A 91 2.22 -12.66 6.55
CA PRO A 91 2.80 -14.00 6.51
C PRO A 91 4.28 -14.14 6.11
N ARG A 92 4.83 -13.12 5.47
CA ARG A 92 6.23 -13.19 5.04
C ARG A 92 7.24 -12.88 6.14
N PHE A 93 6.80 -12.17 7.18
CA PHE A 93 7.71 -11.78 8.26
C PHE A 93 7.23 -12.08 9.68
N PRO A 94 8.18 -12.18 10.61
CA PRO A 94 7.79 -12.45 12.01
C PRO A 94 7.09 -11.20 12.52
N PRO A 95 6.04 -11.37 13.34
CA PRO A 95 5.31 -10.22 13.87
C PRO A 95 6.19 -9.20 14.57
N VAL A 96 5.84 -7.93 14.41
CA VAL A 96 6.59 -6.86 15.04
C VAL A 96 6.29 -6.82 16.54
N LYS A 97 7.31 -6.60 17.34
CA LYS A 97 7.16 -6.51 18.79
C LYS A 97 7.18 -5.02 19.11
N LEU A 98 6.52 -4.64 20.21
CA LEU A 98 6.45 -3.24 20.59
C LEU A 98 7.75 -2.44 20.54
N GLU A 99 8.81 -2.98 21.13
CA GLU A 99 10.11 -2.31 21.16
C GLU A 99 10.62 -1.93 19.77
N GLU A 100 10.39 -2.81 18.79
CA GLU A 100 10.84 -2.56 17.44
C GLU A 100 10.18 -1.35 16.77
N ASP A 102 10.26 1.46 17.69
CA ASP A 102 11.17 2.58 17.92
C ASP A 102 12.08 2.69 16.69
N ASN A 103 12.22 1.57 15.98
CA ASN A 103 13.11 1.51 14.83
C ASN A 103 12.43 1.35 13.47
N LEU A 104 11.14 1.68 13.38
CA LEU A 104 10.43 1.57 12.13
C LEU A 104 9.69 2.86 11.81
N VAL A 105 9.52 3.15 10.52
CA VAL A 105 8.76 4.32 10.11
C VAL A 105 7.50 3.77 9.44
N VAL A 106 6.38 4.46 9.65
CA VAL A 106 5.10 4.06 9.09
C VAL A 106 4.78 4.81 7.81
N GLU A 107 4.31 4.08 6.81
CA GLU A 107 3.95 4.67 5.52
C GLU A 107 2.52 4.29 5.15
N VAL A 108 1.68 5.29 4.91
CA VAL A 108 0.30 5.03 4.53
C VAL A 108 0.05 5.42 3.06
N SER A 109 -0.49 4.49 2.30
CA SER A 109 -0.77 4.72 0.88
C SER A 109 -2.28 4.69 0.63
N VAL A 110 -2.88 5.84 0.39
CA VAL A 110 -4.31 5.93 0.12
C VAL A 110 -4.53 5.73 -1.38
N LEU A 111 -5.29 4.69 -1.74
CA LEU A 111 -5.54 4.35 -3.15
C LEU A 111 -6.81 4.89 -3.79
N THR A 112 -6.74 5.10 -5.11
CA THR A 112 -7.88 5.54 -5.89
C THR A 112 -8.47 4.26 -6.47
N PRO A 113 -9.75 4.30 -6.90
CA PRO A 113 -10.37 3.09 -7.46
C PRO A 113 -9.61 2.55 -8.68
N PRO A 114 -9.32 1.25 -8.71
CA PRO A 114 -8.61 0.63 -9.83
C PRO A 114 -9.39 0.80 -11.13
N GLU A 115 -8.71 1.01 -12.25
CA GLU A 115 -9.41 1.13 -13.51
C GLU A 115 -8.84 0.16 -14.54
N LEU A 116 -9.75 -0.59 -15.17
CA LEU A 116 -9.38 -1.58 -16.18
C LEU A 116 -8.66 -0.98 -17.38
N ILE A 117 -7.52 -1.56 -17.74
CA ILE A 117 -6.77 -1.10 -18.89
C ILE A 117 -7.41 -1.69 -20.15
N GLU A 118 -7.67 -0.84 -21.14
CA GLU A 118 -8.32 -1.28 -22.37
C GLU A 118 -7.36 -1.49 -23.54
N GLY A 119 -7.88 -2.06 -24.63
CA GLY A 119 -7.09 -2.27 -25.82
C GLY A 119 -6.29 -3.56 -25.90
N PRO A 120 -5.57 -3.77 -27.00
CA PRO A 120 -4.74 -4.95 -27.26
C PRO A 120 -3.82 -5.26 -26.07
N PRO A 121 -3.84 -6.51 -25.59
CA PRO A 121 -2.99 -6.87 -24.45
C PRO A 121 -1.50 -6.56 -24.64
N GLU A 122 -0.97 -6.74 -25.84
CA GLU A 122 0.44 -6.48 -26.06
C GLU A 122 0.78 -4.99 -26.00
N GLU A 123 -0.25 -4.14 -25.95
CA GLU A 123 -0.06 -2.70 -25.89
C GLU A 123 -0.29 -2.13 -24.49
N ARG A 124 -0.62 -3.00 -23.55
CA ARG A 124 -0.89 -2.56 -22.20
C ARG A 124 0.23 -1.79 -21.51
N PRO A 125 1.51 -2.12 -21.81
CA PRO A 125 2.61 -1.39 -21.16
C PRO A 125 2.56 0.10 -21.50
N ARG A 126 1.98 0.42 -22.65
CA ARG A 126 1.88 1.80 -23.11
C ARG A 126 0.83 2.61 -22.36
N LYS A 127 -0.06 1.92 -21.64
CA LYS A 127 -1.10 2.60 -20.91
C LYS A 127 -0.82 2.71 -19.42
N ILE A 128 0.39 2.32 -19.02
CA ILE A 128 0.77 2.41 -17.62
C ILE A 128 2.03 3.28 -17.55
N LYS A 129 2.32 3.81 -16.36
CA LYS A 129 3.48 4.67 -16.19
C LYS A 129 4.14 4.48 -14.83
N VAL A 130 5.36 3.94 -14.82
CA VAL A 130 6.08 3.75 -13.58
C VAL A 130 6.31 5.13 -13.00
N GLY A 131 6.04 5.30 -11.71
CA GLY A 131 6.19 6.59 -11.08
C GLY A 131 4.81 7.20 -10.89
N ARG A 132 3.79 6.51 -11.38
CA ARG A 132 2.41 6.97 -11.26
C ARG A 132 1.44 5.85 -10.87
N ASP A 133 1.50 4.76 -11.63
CA ASP A 133 0.59 3.64 -11.43
C ASP A 133 0.99 2.48 -10.53
N GLY A 134 -0.02 1.92 -9.89
CA GLY A 134 0.12 0.74 -9.09
C GLY A 134 -0.59 -0.23 -10.03
N LEU A 135 -0.43 -1.53 -9.85
CA LEU A 135 -1.09 -2.48 -10.75
C LEU A 135 -1.76 -3.64 -10.05
N ILE A 136 -2.80 -4.17 -10.67
CA ILE A 136 -3.51 -5.34 -10.18
C ILE A 136 -3.68 -6.24 -11.39
N VAL A 137 -3.32 -7.51 -11.25
CA VAL A 137 -3.45 -8.47 -12.34
C VAL A 137 -4.35 -9.59 -11.85
N GLU A 138 -5.37 -9.91 -12.63
CA GLU A 138 -6.32 -10.95 -12.26
C GLU A 138 -6.67 -11.87 -13.42
N LYS A 139 -6.72 -13.17 -13.13
CA LYS A 139 -7.08 -14.18 -14.12
C LYS A 139 -7.54 -15.39 -13.35
N GLY A 140 -8.79 -15.80 -13.58
CA GLY A 140 -9.32 -16.94 -12.85
C GLY A 140 -9.35 -16.60 -11.38
N ILE A 141 -8.83 -17.49 -10.53
CA ILE A 141 -8.82 -17.24 -9.10
C ILE A 141 -7.56 -16.50 -8.67
N TYR A 142 -6.67 -16.22 -9.61
CA TYR A 142 -5.43 -15.54 -9.28
C TYR A 142 -5.52 -14.02 -9.31
N SER A 143 -4.89 -13.40 -8.33
CA SER A 143 -4.88 -11.95 -8.24
C SER A 143 -3.62 -11.48 -7.51
N GLY A 144 -3.04 -10.39 -8.00
CA GLY A 144 -1.85 -9.87 -7.39
C GLY A 144 -1.82 -8.36 -7.55
N LEU A 145 -1.27 -7.68 -6.55
CA LEU A 145 -1.17 -6.23 -6.57
C LEU A 145 0.21 -5.76 -6.14
N LEU A 146 0.70 -4.72 -6.80
CA LEU A 146 1.97 -4.12 -6.45
C LEU A 146 1.74 -2.61 -6.43
N LEU A 147 2.12 -1.98 -5.33
CA LEU A 147 1.96 -0.54 -5.15
C LEU A 147 2.85 0.25 -6.11
N PRO A 148 2.47 1.52 -6.39
CA PRO A 148 3.22 2.40 -7.30
C PRO A 148 4.70 2.56 -6.93
N GLN A 149 5.01 2.58 -5.64
CA GLN A 149 6.39 2.76 -5.19
C GLN A 149 7.31 1.59 -5.48
N VAL A 150 6.75 0.41 -5.69
CA VAL A 150 7.56 -0.79 -5.94
C VAL A 150 8.45 -0.72 -7.19
N PRO A 151 7.84 -0.51 -8.38
CA PRO A 151 8.67 -0.45 -9.58
C PRO A 151 9.71 0.68 -9.53
N VAL A 152 9.37 1.77 -8.83
CA VAL A 152 10.28 2.89 -8.68
C VAL A 152 11.47 2.48 -7.81
N GLU A 153 11.18 1.85 -6.68
CA GLU A 153 12.23 1.40 -5.77
C GLU A 153 13.21 0.43 -6.42
N TRP A 154 12.69 -0.48 -7.25
CA TRP A 154 13.54 -1.47 -7.87
C TRP A 154 14.02 -1.16 -9.29
N GLY A 155 13.64 0.01 -9.79
CA GLY A 155 14.05 0.43 -11.12
C GLY A 155 13.52 -0.37 -12.30
N TRP A 156 12.23 -0.73 -12.26
CA TRP A 156 11.63 -1.49 -13.35
C TRP A 156 10.95 -0.57 -14.35
N ASP A 157 10.86 -0.99 -15.61
CA ASP A 157 10.15 -0.19 -16.59
C ASP A 157 8.72 -0.74 -16.60
N GLU A 158 7.87 -0.23 -17.47
CA GLU A 158 6.48 -0.67 -17.51
C GLU A 158 6.28 -2.16 -17.80
N GLU A 159 7.03 -2.69 -18.76
CA GLU A 159 6.90 -4.10 -19.11
C GLU A 159 7.37 -5.01 -17.98
N GLU A 160 8.45 -4.64 -17.32
CA GLU A 160 8.97 -5.43 -16.20
C GLU A 160 7.98 -5.38 -15.04
N PHE A 161 7.42 -4.19 -14.81
CA PHE A 161 6.45 -3.97 -13.75
C PHE A 161 5.24 -4.88 -13.95
N LEU A 162 4.83 -5.03 -15.20
CA LEU A 162 3.70 -5.89 -15.53
C LEU A 162 4.03 -7.36 -15.23
N ALA A 163 5.19 -7.80 -15.68
CA ALA A 163 5.60 -9.19 -15.46
C ALA A 163 5.73 -9.50 -13.97
N GLU A 164 6.22 -8.53 -13.20
CA GLU A 164 6.40 -8.71 -11.77
C GLU A 164 5.05 -8.78 -11.05
N THR A 165 4.06 -8.03 -11.54
CA THR A 165 2.75 -8.05 -10.92
C THR A 165 2.05 -9.36 -11.25
N CYS A 166 2.36 -9.92 -12.42
CA CYS A 166 1.79 -11.21 -12.79
C CYS A 166 2.38 -12.25 -11.83
N TRP A 167 3.68 -12.17 -11.61
CA TRP A 167 4.36 -13.10 -10.71
C TRP A 167 3.81 -13.01 -9.29
N LYS A 168 3.50 -11.79 -8.86
CA LYS A 168 2.96 -11.54 -7.53
C LYS A 168 1.62 -12.28 -7.39
N ALA A 169 0.88 -12.36 -8.49
CA ALA A 169 -0.43 -13.03 -8.48
C ALA A 169 -0.34 -14.54 -8.58
N GLY A 170 0.87 -15.07 -8.80
CA GLY A 170 1.03 -16.50 -8.92
C GLY A 170 0.79 -16.94 -10.36
N LEU A 171 0.95 -15.99 -11.27
CA LEU A 171 0.75 -16.23 -12.71
C LEU A 171 2.08 -16.17 -13.44
N PRO A 172 2.15 -16.75 -14.65
CA PRO A 172 3.42 -16.69 -15.40
C PRO A 172 3.71 -15.21 -15.71
N PRO A 173 4.99 -14.83 -15.77
CA PRO A 173 5.40 -13.45 -16.05
C PRO A 173 4.79 -12.80 -17.30
N ASP A 174 4.55 -13.59 -18.34
CA ASP A 174 3.99 -13.06 -19.59
C ASP A 174 2.47 -13.20 -19.69
N CYS A 175 1.81 -13.42 -18.55
CA CYS A 175 0.37 -13.60 -18.52
C CYS A 175 -0.39 -12.35 -18.95
N TRP A 176 0.24 -11.18 -18.82
CA TRP A 176 -0.41 -9.93 -19.20
C TRP A 176 -0.64 -9.85 -20.71
N LEU A 177 -0.02 -10.76 -21.45
CA LEU A 177 -0.17 -10.81 -22.91
C LEU A 177 -1.48 -11.49 -23.29
N ASP A 178 -2.14 -12.09 -22.30
CA ASP A 178 -3.40 -12.81 -22.50
C ASP A 178 -4.62 -11.89 -22.43
N GLU A 179 -5.47 -11.98 -23.45
CA GLU A 179 -6.68 -11.18 -23.51
C GLU A 179 -7.59 -11.47 -22.31
N ASP A 180 -7.59 -12.71 -21.85
CA ASP A 180 -8.43 -13.09 -20.72
C ASP A 180 -7.88 -12.66 -19.36
N THR A 181 -6.68 -12.09 -19.35
CA THR A 181 -6.10 -11.62 -18.11
C THR A 181 -6.53 -10.17 -17.98
N LYS A 182 -7.03 -9.79 -16.81
CA LYS A 182 -7.46 -8.42 -16.58
C LYS A 182 -6.39 -7.64 -15.83
N VAL A 183 -6.02 -6.47 -16.36
CA VAL A 183 -5.00 -5.63 -15.76
C VAL A 183 -5.60 -4.28 -15.40
N TYR A 184 -5.43 -3.89 -14.14
CA TYR A 184 -5.96 -2.63 -13.64
C TYR A 184 -4.83 -1.74 -13.16
N LYS A 185 -5.00 -0.44 -13.34
CA LYS A 185 -4.01 0.49 -12.84
C LYS A 185 -4.72 1.35 -11.80
N PHE A 186 -3.95 1.89 -10.86
CA PHE A 186 -4.51 2.75 -9.83
C PHE A 186 -3.39 3.65 -9.35
N THR A 187 -3.73 4.68 -8.58
CA THR A 187 -2.72 5.59 -8.09
C THR A 187 -2.88 5.72 -6.59
N ALA A 188 -1.93 6.40 -5.95
CA ALA A 188 -2.01 6.56 -4.52
C ALA A 188 -1.34 7.83 -4.05
N GLU A 189 -1.78 8.31 -2.90
CA GLU A 189 -1.20 9.47 -2.27
C GLU A 189 -0.54 8.84 -1.04
N ILE A 190 0.78 8.95 -1.01
CA ILE A 190 1.61 8.35 0.03
C ILE A 190 2.12 9.34 1.07
N PHE A 191 2.09 8.91 2.33
CA PHE A 191 2.56 9.73 3.44
C PHE A 191 3.42 8.84 4.34
N GLU A 192 4.54 9.37 4.83
CA GLU A 192 5.43 8.58 5.66
C GLU A 192 6.18 9.41 6.70
N GLU A 193 6.50 8.78 7.83
CA GLU A 193 7.26 9.43 8.89
C GLU A 193 8.68 9.69 8.39
N GLU A 194 9.23 10.87 8.64
CA GLU A 194 10.59 11.18 8.22
C GLU A 194 11.56 10.29 9.00
N TYR A 195 11.16 10.00 10.24
CA TYR A 195 11.89 9.12 11.15
C TYR A 195 10.89 8.69 12.21
N PRO A 196 11.18 7.61 12.95
CA PRO A 196 10.23 7.16 13.97
C PRO A 196 9.66 8.24 14.89
N ARG A 197 8.34 8.41 14.82
CA ARG A 197 7.60 9.39 15.62
C ARG A 197 7.95 10.83 15.29
N GLY A 198 8.59 11.03 14.14
CA GLY A 198 8.96 12.37 13.74
C GLY A 198 7.90 12.99 12.84
N PRO A 199 8.21 14.13 12.21
CA PRO A 199 7.24 14.79 11.32
C PRO A 199 6.85 13.85 10.19
N ILE A 200 5.63 14.00 9.70
CA ILE A 200 5.13 13.17 8.61
C ILE A 200 5.01 14.03 7.36
N LYS A 201 5.38 13.47 6.21
CA LYS A 201 5.31 14.22 4.95
C LYS A 201 4.82 13.38 3.78
N ARG A 202 4.24 14.07 2.81
CA ARG A 202 3.77 13.43 1.60
C ARG A 202 5.03 12.91 0.91
N LYS A 203 4.93 11.76 0.26
CA LYS A 203 6.07 11.15 -0.41
C LYS A 203 5.80 10.96 -1.88
N PRO A 204 6.25 11.91 -2.73
CA PRO A 204 6.02 11.77 -4.17
C PRO A 204 6.93 10.69 -4.75
N LEU A 205 6.60 10.20 -5.94
CA LEU A 205 7.41 9.19 -6.57
C LEU A 205 8.35 9.85 -7.58
#